data_3H7U
#
_entry.id   3H7U
#
_cell.length_a   79.355
_cell.length_b   70.687
_cell.length_c   65.767
_cell.angle_alpha   90.00
_cell.angle_beta   107.22
_cell.angle_gamma   90.00
#
_symmetry.space_group_name_H-M   'C 1 2 1'
#
loop_
_entity.id
_entity.type
_entity.pdbx_description
1 polymer 'Aldo-keto reductase'
2 non-polymer 'NADP NICOTINAMIDE-ADENINE-DINUCLEOTIDE PHOSPHATE'
3 non-polymer 'ACETATE ION'
4 water water
#
_entity_poly.entity_id   1
_entity_poly.type   'polypeptide(L)'
_entity_poly.pdbx_seq_one_letter_code
;MGSSHHHHHHSSGLVPRGSHMANAITFFKLNTGAKFPSVGLGTWQASPGLVGDAVAAAVKIGYRHIDCAQIYGNEKEIGA
VLKKLFEDRVVKREDLFITSKLWCTDHDPQDVPEALNRTLKDLQLEYVDLYLIHWPARIKKGSVGIKPENLLPVDIPSTW
KAMEALYDSGKARAIGVSNFSTKKLADLLELARVPPAVNQVECHPSWRQTKLQEFCKSKGVHLSAYSPLGSPGTTWLKSD
VLKNPILNMVAEKLGKSPAQVALRWGLQMGHSVLPKSTNEGRIKENFNVFDWSIPDYMFAKFAEIEQARLVTGSFLVHET
LSPYKSIEELWDGEI
;
_entity_poly.pdbx_strand_id   A
#
loop_
_chem_comp.id
_chem_comp.type
_chem_comp.name
_chem_comp.formula
ACT non-polymer 'ACETATE ION' 'C2 H3 O2 -1'
NAP non-polymer 'NADP NICOTINAMIDE-ADENINE-DINUCLEOTIDE PHOSPHATE' 'C21 H28 N7 O17 P3'
#
# COMPACT_ATOMS: atom_id res chain seq x y z
N ALA A 24 -14.68 4.96 -15.29
CA ALA A 24 -14.59 3.64 -14.57
C ALA A 24 -13.47 3.59 -13.52
N ILE A 25 -12.32 4.20 -13.85
CA ILE A 25 -11.15 4.32 -12.96
C ILE A 25 -10.59 2.93 -12.61
N THR A 26 -10.22 2.16 -13.64
CA THR A 26 -9.70 0.80 -13.44
C THR A 26 -8.17 0.75 -13.31
N PHE A 27 -7.48 1.83 -13.62
CA PHE A 27 -6.03 1.88 -13.50
C PHE A 27 -5.52 3.32 -13.44
N PHE A 28 -4.28 3.45 -13.01
CA PHE A 28 -3.56 4.72 -13.04
C PHE A 28 -2.22 4.49 -13.71
N LYS A 29 -1.75 5.46 -14.48
CA LYS A 29 -0.45 5.37 -15.14
C LYS A 29 0.63 5.89 -14.20
N LEU A 30 1.69 5.11 -14.04
CA LEU A 30 2.85 5.54 -13.26
C LEU A 30 3.82 6.34 -14.11
N ASN A 31 4.72 7.05 -13.43
CA ASN A 31 5.73 7.84 -14.12
C ASN A 31 6.72 7.02 -14.94
N THR A 32 6.74 5.69 -14.76
CA THR A 32 7.52 4.81 -15.62
C THR A 32 6.77 4.46 -16.92
N GLY A 33 5.50 4.82 -17.01
CA GLY A 33 4.64 4.41 -18.10
C GLY A 33 3.78 3.18 -17.80
N ALA A 34 4.07 2.45 -16.73
CA ALA A 34 3.31 1.24 -16.39
C ALA A 34 1.90 1.55 -15.93
N LYS A 35 0.99 0.66 -16.29
CA LYS A 35 -0.37 0.72 -15.81
C LYS A 35 -0.48 0.01 -14.47
N PHE A 36 -1.01 0.74 -13.50
CA PHE A 36 -1.16 0.26 -12.13
C PHE A 36 -2.63 0.03 -11.87
N PRO A 37 -3.07 -1.23 -11.74
CA PRO A 37 -4.50 -1.44 -11.51
C PRO A 37 -4.98 -0.73 -10.24
N SER A 38 -6.13 -0.10 -10.31
CA SER A 38 -6.55 0.82 -9.27
C SER A 38 -7.03 0.20 -7.97
N VAL A 39 -7.42 -1.08 -8.01
CA VAL A 39 -7.83 -1.83 -6.84
C VAL A 39 -6.89 -3.00 -6.68
N GLY A 40 -6.23 -3.08 -5.55
CA GLY A 40 -5.31 -4.15 -5.20
C GLY A 40 -5.81 -4.91 -3.99
N LEU A 41 -5.50 -6.20 -3.92
CA LEU A 41 -5.80 -6.98 -2.73
C LEU A 41 -4.72 -6.77 -1.66
N GLY A 42 -5.11 -6.28 -0.49
CA GLY A 42 -4.21 -6.18 0.64
C GLY A 42 -4.01 -7.52 1.32
N THR A 43 -2.83 -7.71 1.89
CA THR A 43 -2.47 -8.99 2.52
C THR A 43 -1.88 -8.87 3.92
N TRP A 44 -1.89 -7.68 4.53
CA TRP A 44 -1.49 -7.57 5.93
C TRP A 44 -2.52 -8.29 6.79
N GLN A 45 -2.07 -9.09 7.74
CA GLN A 45 -2.95 -9.81 8.66
C GLN A 45 -3.82 -10.85 7.96
N ALA A 46 -3.42 -11.29 6.77
CA ALA A 46 -3.95 -12.47 6.11
C ALA A 46 -3.03 -13.62 6.48
N SER A 47 -3.55 -14.56 7.26
CA SER A 47 -2.68 -15.61 7.78
C SER A 47 -2.11 -16.47 6.68
N PRO A 48 -0.98 -17.13 6.96
CA PRO A 48 -0.47 -18.10 6.00
C PRO A 48 -1.53 -19.13 5.55
N GLY A 49 -2.42 -19.55 6.43
CA GLY A 49 -3.45 -20.53 6.06
C GLY A 49 -4.59 -20.02 5.22
N LEU A 50 -4.86 -18.71 5.26
CA LEU A 50 -6.00 -18.13 4.55
C LEU A 50 -5.59 -17.33 3.31
N VAL A 51 -4.35 -16.84 3.23
CA VAL A 51 -4.02 -15.87 2.19
C VAL A 51 -4.03 -16.50 0.80
N GLY A 52 -3.65 -17.76 0.68
CA GLY A 52 -3.60 -18.39 -0.63
C GLY A 52 -4.95 -18.44 -1.30
N ASP A 53 -5.95 -18.91 -0.56
CA ASP A 53 -7.28 -19.01 -1.13
C ASP A 53 -7.86 -17.62 -1.42
N ALA A 54 -7.46 -16.61 -0.63
CA ALA A 54 -7.88 -15.24 -0.86
C ALA A 54 -7.32 -14.69 -2.17
N VAL A 55 -6.02 -14.88 -2.37
CA VAL A 55 -5.40 -14.45 -3.62
C VAL A 55 -6.02 -15.16 -4.82
N ALA A 56 -6.22 -16.49 -4.73
CA ALA A 56 -6.82 -17.25 -5.81
C ALA A 56 -8.21 -16.71 -6.12
N ALA A 57 -9.00 -16.47 -5.09
CA ALA A 57 -10.37 -15.99 -5.31
C ALA A 57 -10.35 -14.61 -5.95
N ALA A 58 -9.45 -13.75 -5.47
CA ALA A 58 -9.32 -12.40 -6.00
C ALA A 58 -8.95 -12.40 -7.47
N VAL A 59 -7.93 -13.18 -7.84
CA VAL A 59 -7.51 -13.22 -9.23
C VAL A 59 -8.65 -13.80 -10.10
N LYS A 60 -9.36 -14.82 -9.61
CA LYS A 60 -10.47 -15.40 -10.35
CA LYS A 60 -10.48 -15.39 -10.34
C LYS A 60 -11.60 -14.37 -10.58
N ILE A 61 -11.85 -13.53 -9.59
CA ILE A 61 -12.87 -12.45 -9.65
C ILE A 61 -12.45 -11.35 -10.65
N GLY A 62 -11.14 -11.17 -10.84
CA GLY A 62 -10.59 -10.16 -11.75
C GLY A 62 -9.53 -9.23 -11.19
N TYR A 63 -9.17 -9.35 -9.92
CA TYR A 63 -8.09 -8.52 -9.40
C TYR A 63 -6.80 -8.81 -10.20
N ARG A 64 -6.04 -7.75 -10.47
CA ARG A 64 -4.79 -7.87 -11.19
C ARG A 64 -3.65 -7.17 -10.45
N HIS A 65 -3.82 -7.00 -9.14
CA HIS A 65 -2.88 -6.25 -8.30
C HIS A 65 -2.97 -6.84 -6.91
N ILE A 66 -1.82 -7.28 -6.38
CA ILE A 66 -1.72 -7.83 -5.03
C ILE A 66 -0.65 -7.02 -4.28
N ASP A 67 -1.00 -6.50 -3.11
CA ASP A 67 -0.08 -5.74 -2.28
C ASP A 67 0.49 -6.65 -1.20
N CYS A 68 1.80 -6.84 -1.25
CA CYS A 68 2.52 -7.77 -0.39
C CYS A 68 3.57 -7.05 0.44
N ALA A 69 4.14 -7.76 1.42
CA ALA A 69 5.33 -7.28 2.11
C ALA A 69 5.98 -8.44 2.81
N GLN A 70 7.32 -8.44 2.84
CA GLN A 70 8.03 -9.47 3.53
C GLN A 70 7.58 -9.57 4.99
N ILE A 71 7.39 -8.42 5.62
CA ILE A 71 7.08 -8.40 7.06
C ILE A 71 5.70 -8.98 7.36
N TYR A 72 4.84 -9.16 6.36
CA TYR A 72 3.51 -9.71 6.59
C TYR A 72 3.55 -11.22 6.88
N GLY A 73 4.70 -11.86 6.65
CA GLY A 73 4.90 -13.25 7.07
C GLY A 73 4.18 -14.30 6.24
N ASN A 74 3.81 -13.94 5.01
CA ASN A 74 2.95 -14.78 4.19
C ASN A 74 3.34 -14.79 2.71
N GLU A 75 4.51 -14.26 2.36
CA GLU A 75 4.87 -14.21 0.94
C GLU A 75 5.06 -15.60 0.34
N LYS A 76 5.57 -16.57 1.11
CA LYS A 76 5.72 -17.91 0.54
C LYS A 76 4.37 -18.49 0.12
N GLU A 77 3.34 -18.28 0.94
CA GLU A 77 2.05 -18.85 0.66
C GLU A 77 1.40 -18.15 -0.53
N ILE A 78 1.63 -16.84 -0.66
CA ILE A 78 1.22 -16.11 -1.86
C ILE A 78 1.93 -16.66 -3.09
N GLY A 79 3.23 -16.88 -3.02
CA GLY A 79 3.99 -17.40 -4.15
C GLY A 79 3.51 -18.75 -4.63
N ALA A 80 3.16 -19.62 -3.68
CA ALA A 80 2.69 -20.95 -4.04
C ALA A 80 1.40 -20.87 -4.84
N VAL A 81 0.51 -19.96 -4.47
CA VAL A 81 -0.74 -19.81 -5.23
CA VAL A 81 -0.73 -19.83 -5.22
C VAL A 81 -0.51 -19.11 -6.56
N LEU A 82 0.38 -18.11 -6.61
CA LEU A 82 0.70 -17.47 -7.88
C LEU A 82 1.23 -18.50 -8.87
N LYS A 83 2.12 -19.39 -8.42
CA LYS A 83 2.65 -20.43 -9.29
C LYS A 83 1.52 -21.25 -9.89
N LYS A 84 0.57 -21.67 -9.03
CA LYS A 84 -0.56 -22.47 -9.47
C LYS A 84 -1.46 -21.70 -10.46
N LEU A 85 -1.73 -20.44 -10.18
CA LEU A 85 -2.55 -19.63 -11.08
C LEU A 85 -1.91 -19.49 -12.47
N PHE A 86 -0.59 -19.32 -12.51
CA PHE A 86 0.11 -19.24 -13.78
C PHE A 86 0.11 -20.60 -14.49
N GLU A 87 0.45 -21.66 -13.77
CA GLU A 87 0.47 -23.00 -14.33
C GLU A 87 -0.89 -23.39 -14.89
N ASP A 88 -1.95 -23.06 -14.14
CA ASP A 88 -3.31 -23.42 -14.52
C ASP A 88 -3.93 -22.48 -15.53
N ARG A 89 -3.16 -21.49 -15.97
CA ARG A 89 -3.54 -20.57 -17.05
C ARG A 89 -4.71 -19.67 -16.68
N VAL A 90 -4.87 -19.42 -15.38
CA VAL A 90 -5.87 -18.45 -14.90
C VAL A 90 -5.49 -17.05 -15.35
N VAL A 91 -4.21 -16.75 -15.23
CA VAL A 91 -3.62 -15.45 -15.57
CA VAL A 91 -3.63 -15.47 -15.66
C VAL A 91 -2.18 -15.67 -16.02
N LYS A 92 -1.65 -14.73 -16.78
CA LYS A 92 -0.23 -14.72 -17.11
C LYS A 92 0.49 -13.71 -16.20
N ARG A 93 1.76 -13.98 -15.94
CA ARG A 93 2.57 -13.11 -15.08
C ARG A 93 2.50 -11.64 -15.53
N GLU A 94 2.57 -11.42 -16.83
CA GLU A 94 2.62 -10.07 -17.36
C GLU A 94 1.32 -9.31 -17.13
N ASP A 95 0.24 -10.02 -16.82
CA ASP A 95 -1.00 -9.31 -16.58
C ASP A 95 -1.27 -9.03 -15.10
N LEU A 96 -0.40 -9.49 -14.23
CA LEU A 96 -0.53 -9.22 -12.79
CA LEU A 96 -0.53 -9.26 -12.81
C LEU A 96 0.47 -8.17 -12.36
N PHE A 97 0.05 -7.35 -11.41
CA PHE A 97 0.88 -6.31 -10.81
C PHE A 97 1.15 -6.70 -9.36
N ILE A 98 2.39 -7.03 -9.04
CA ILE A 98 2.74 -7.45 -7.70
C ILE A 98 3.66 -6.40 -7.04
N THR A 99 3.22 -5.92 -5.88
CA THR A 99 4.00 -4.99 -5.06
C THR A 99 4.56 -5.71 -3.85
N SER A 100 5.83 -5.47 -3.51
CA SER A 100 6.34 -5.82 -2.20
C SER A 100 7.12 -4.64 -1.61
N LYS A 101 7.65 -4.82 -0.41
CA LYS A 101 8.18 -3.72 0.36
C LYS A 101 9.43 -4.18 1.13
N LEU A 102 10.41 -3.29 1.15
CA LEU A 102 11.68 -3.45 1.87
C LEU A 102 11.46 -3.10 3.32
N TRP A 103 11.63 -4.07 4.20
CA TRP A 103 11.43 -3.86 5.62
C TRP A 103 12.61 -3.08 6.25
N CYS A 104 12.32 -2.46 7.39
CA CYS A 104 13.24 -1.58 8.10
C CYS A 104 14.55 -2.21 8.55
N THR A 105 14.62 -3.54 8.62
CA THR A 105 15.86 -4.24 8.93
C THR A 105 16.85 -4.30 7.78
N ASP A 106 16.40 -3.95 6.57
CA ASP A 106 17.16 -4.23 5.37
C ASP A 106 17.50 -2.97 4.55
N HIS A 107 17.56 -1.82 5.20
CA HIS A 107 17.86 -0.55 4.53
C HIS A 107 19.34 -0.37 4.14
N ASP A 108 20.26 -1.07 4.80
CA ASP A 108 21.66 -0.91 4.42
C ASP A 108 21.81 -1.35 2.95
N PRO A 109 22.54 -0.58 2.13
CA PRO A 109 22.66 -0.95 0.73
C PRO A 109 23.11 -2.37 0.44
N GLN A 110 23.94 -2.95 1.30
CA GLN A 110 24.33 -4.35 1.09
C GLN A 110 23.14 -5.29 1.24
N ASP A 111 22.24 -4.96 2.17
CA ASP A 111 21.13 -5.83 2.49
C ASP A 111 19.96 -5.70 1.50
N VAL A 112 19.89 -4.60 0.76
CA VAL A 112 18.72 -4.33 -0.07
C VAL A 112 18.49 -5.38 -1.17
N PRO A 113 19.52 -5.69 -1.96
CA PRO A 113 19.25 -6.69 -3.02
C PRO A 113 18.97 -8.10 -2.47
N GLU A 114 19.58 -8.47 -1.35
N GLU A 114 19.58 -8.45 -1.35
CA GLU A 114 19.29 -9.75 -0.70
CA GLU A 114 19.30 -9.73 -0.70
C GLU A 114 17.82 -9.81 -0.25
C GLU A 114 17.85 -9.81 -0.23
N ALA A 115 17.33 -8.71 0.32
CA ALA A 115 15.96 -8.65 0.76
C ALA A 115 14.99 -8.83 -0.40
N LEU A 116 15.25 -8.17 -1.52
CA LEU A 116 14.36 -8.36 -2.66
C LEU A 116 14.48 -9.76 -3.19
N ASN A 117 15.69 -10.30 -3.25
CA ASN A 117 15.83 -11.66 -3.76
C ASN A 117 15.08 -12.70 -2.90
N ARG A 118 15.04 -12.51 -1.58
CA ARG A 118 14.26 -13.41 -0.71
C ARG A 118 12.77 -13.29 -1.05
N THR A 119 12.29 -12.05 -1.20
CA THR A 119 10.89 -11.81 -1.59
C THR A 119 10.57 -12.46 -2.94
N LEU A 120 11.48 -12.33 -3.91
CA LEU A 120 11.28 -12.93 -5.20
C LEU A 120 11.24 -14.46 -5.12
N LYS A 121 12.12 -15.04 -4.32
CA LYS A 121 12.11 -16.49 -4.13
C LYS A 121 10.78 -16.95 -3.49
N ASP A 122 10.35 -16.25 -2.45
CA ASP A 122 9.11 -16.61 -1.76
C ASP A 122 7.87 -16.43 -2.62
N LEU A 123 7.82 -15.33 -3.36
CA LEU A 123 6.70 -15.07 -4.27
C LEU A 123 6.78 -15.88 -5.57
N GLN A 124 7.89 -16.57 -5.80
CA GLN A 124 8.13 -17.34 -7.02
C GLN A 124 8.04 -16.48 -8.28
N LEU A 125 8.71 -15.32 -8.20
CA LEU A 125 8.73 -14.35 -9.28
C LEU A 125 10.18 -14.04 -9.66
N GLU A 126 10.34 -13.52 -10.86
CA GLU A 126 11.63 -13.04 -11.34
C GLU A 126 11.77 -11.53 -11.17
N TYR A 127 10.66 -10.83 -11.01
CA TYR A 127 10.66 -9.38 -10.77
C TYR A 127 9.40 -9.05 -9.99
N VAL A 128 9.43 -7.93 -9.26
CA VAL A 128 8.20 -7.32 -8.77
C VAL A 128 7.87 -6.13 -9.64
N ASP A 129 6.59 -5.82 -9.74
CA ASP A 129 6.17 -4.65 -10.49
C ASP A 129 6.44 -3.35 -9.72
N LEU A 130 6.42 -3.40 -8.40
CA LEU A 130 6.68 -2.23 -7.56
C LEU A 130 7.36 -2.72 -6.30
N TYR A 131 8.45 -2.06 -5.91
CA TYR A 131 9.12 -2.32 -4.65
C TYR A 131 9.23 -1.01 -3.88
N LEU A 132 8.76 -1.03 -2.63
CA LEU A 132 8.63 0.18 -1.82
C LEU A 132 9.56 0.16 -0.61
N ILE A 133 10.15 1.30 -0.28
CA ILE A 133 10.70 1.46 1.07
C ILE A 133 9.48 1.50 2.02
N HIS A 134 9.37 0.52 2.91
CA HIS A 134 8.13 0.31 3.67
C HIS A 134 7.83 1.46 4.66
N TRP A 135 8.83 1.86 5.44
CA TRP A 135 8.76 2.99 6.35
C TRP A 135 10.10 3.71 6.32
N PRO A 136 10.10 5.02 6.64
CA PRO A 136 11.35 5.79 6.67
C PRO A 136 12.13 5.59 7.98
N ALA A 137 12.55 4.36 8.22
CA ALA A 137 13.23 4.03 9.46
C ALA A 137 14.07 2.79 9.29
N ARG A 138 15.15 2.70 10.08
CA ARG A 138 15.99 1.51 10.16
C ARG A 138 15.86 0.85 11.54
N ILE A 139 15.91 -0.48 11.53
CA ILE A 139 15.83 -1.29 12.75
C ILE A 139 16.92 -2.35 12.65
N LYS A 140 17.54 -2.66 13.78
CA LYS A 140 18.52 -3.74 13.85
C LYS A 140 17.86 -5.07 13.51
N LYS A 141 18.63 -5.94 12.87
CA LYS A 141 18.20 -7.32 12.72
C LYS A 141 18.15 -8.01 14.09
N GLY A 142 17.30 -9.03 14.22
CA GLY A 142 17.43 -9.98 15.32
C GLY A 142 16.43 -10.04 16.45
N SER A 143 15.40 -9.21 16.37
CA SER A 143 14.24 -9.31 17.22
C SER A 143 13.06 -9.54 16.30
N VAL A 144 12.15 -10.44 16.67
CA VAL A 144 10.86 -10.48 16.00
C VAL A 144 10.11 -9.23 16.46
N GLY A 145 9.95 -9.07 17.77
CA GLY A 145 9.33 -7.87 18.29
C GLY A 145 10.17 -6.64 18.02
N ILE A 146 9.50 -5.49 17.94
CA ILE A 146 10.17 -4.22 17.78
C ILE A 146 10.37 -3.64 19.16
N LYS A 147 11.59 -3.20 19.43
CA LYS A 147 11.89 -2.48 20.66
C LYS A 147 12.71 -1.26 20.27
N PRO A 148 12.52 -0.15 21.00
CA PRO A 148 13.14 1.10 20.57
C PRO A 148 14.67 1.05 20.58
N GLU A 149 15.22 0.18 21.44
CA GLU A 149 16.67 -0.06 21.49
C GLU A 149 17.26 -0.47 20.17
N ASN A 150 16.44 -1.06 19.31
CA ASN A 150 16.88 -1.52 18.01
C ASN A 150 16.69 -0.54 16.89
N LEU A 151 16.19 0.65 17.18
CA LEU A 151 16.06 1.70 16.15
C LEU A 151 17.45 2.25 15.84
N LEU A 152 17.70 2.51 14.57
CA LEU A 152 18.97 3.01 14.10
C LEU A 152 18.83 4.32 13.34
N PRO A 153 19.93 5.04 13.18
CA PRO A 153 19.86 6.23 12.34
C PRO A 153 19.40 5.87 10.91
N VAL A 154 18.73 6.82 10.29
CA VAL A 154 18.13 6.63 8.97
C VAL A 154 18.99 7.27 7.89
N ASP A 155 19.04 6.67 6.71
CA ASP A 155 19.76 7.26 5.58
C ASP A 155 18.99 6.91 4.31
N ILE A 156 17.96 7.69 4.04
CA ILE A 156 17.10 7.39 2.91
C ILE A 156 17.84 7.55 1.58
N PRO A 157 18.70 8.59 1.43
CA PRO A 157 19.39 8.69 0.14
C PRO A 157 20.21 7.46 -0.23
N SER A 158 20.93 6.90 0.74
CA SER A 158 21.73 5.71 0.49
CA SER A 158 21.74 5.71 0.46
C SER A 158 20.85 4.50 0.14
N THR A 159 19.79 4.30 0.92
CA THR A 159 18.86 3.20 0.66
C THR A 159 18.20 3.36 -0.72
N TRP A 160 17.84 4.58 -1.06
CA TRP A 160 17.18 4.82 -2.33
C TRP A 160 18.13 4.51 -3.48
N LYS A 161 19.41 4.85 -3.34
CA LYS A 161 20.39 4.48 -4.38
C LYS A 161 20.42 2.97 -4.59
N ALA A 162 20.31 2.19 -3.52
CA ALA A 162 20.24 0.75 -3.66
C ALA A 162 18.93 0.33 -4.36
N MET A 163 17.81 0.98 -4.03
CA MET A 163 16.55 0.73 -4.75
C MET A 163 16.70 1.05 -6.23
N GLU A 164 17.39 2.15 -6.55
CA GLU A 164 17.61 2.55 -7.95
C GLU A 164 18.38 1.49 -8.73
N ALA A 165 19.31 0.80 -8.08
CA ALA A 165 20.01 -0.30 -8.75
C ALA A 165 19.08 -1.46 -9.07
N LEU A 166 18.10 -1.72 -8.20
CA LEU A 166 17.10 -2.77 -8.44
C LEU A 166 16.17 -2.42 -9.59
N TYR A 167 15.84 -1.12 -9.71
CA TYR A 167 15.09 -0.61 -10.84
C TYR A 167 15.92 -0.75 -12.12
N ASP A 168 17.17 -0.30 -12.09
CA ASP A 168 18.04 -0.36 -13.27
C ASP A 168 18.15 -1.77 -13.83
N SER A 169 18.21 -2.76 -12.94
CA SER A 169 18.40 -4.16 -13.37
C SER A 169 17.11 -4.86 -13.74
N GLY A 170 15.98 -4.22 -13.53
CA GLY A 170 14.69 -4.84 -13.84
C GLY A 170 14.13 -5.78 -12.77
N LYS A 171 14.83 -5.93 -11.65
CA LYS A 171 14.32 -6.72 -10.54
C LYS A 171 13.04 -6.09 -9.95
N ALA A 172 13.00 -4.74 -9.94
CA ALA A 172 11.82 -3.98 -9.55
C ALA A 172 11.47 -3.08 -10.71
N ARG A 173 10.35 -3.31 -11.38
CA ARG A 173 10.07 -2.52 -12.60
C ARG A 173 9.68 -1.08 -12.28
N ALA A 174 9.23 -0.86 -11.06
CA ALA A 174 9.02 0.48 -10.50
C ALA A 174 9.47 0.42 -9.05
N ILE A 175 9.97 1.55 -8.55
CA ILE A 175 10.34 1.69 -7.15
C ILE A 175 9.59 2.86 -6.55
N GLY A 176 9.29 2.77 -5.26
CA GLY A 176 8.58 3.84 -4.59
C GLY A 176 8.81 3.80 -3.10
N VAL A 177 7.98 4.56 -2.39
CA VAL A 177 8.10 4.70 -0.95
C VAL A 177 6.74 4.49 -0.31
N SER A 178 6.75 4.40 1.01
CA SER A 178 5.53 4.28 1.78
C SER A 178 5.70 5.01 3.09
N ASN A 179 4.63 5.61 3.60
CA ASN A 179 4.66 6.34 4.85
C ASN A 179 5.63 7.50 4.83
N PHE A 180 5.77 8.14 3.67
CA PHE A 180 6.58 9.37 3.55
C PHE A 180 5.67 10.59 3.60
N SER A 181 5.94 11.48 4.55
CA SER A 181 5.28 12.79 4.61
C SER A 181 5.61 13.61 3.35
N THR A 182 4.89 14.71 3.16
CA THR A 182 5.18 15.59 2.03
C THR A 182 6.66 15.99 2.07
N LYS A 183 7.16 16.39 3.25
CA LYS A 183 8.54 16.83 3.37
C LYS A 183 9.54 15.72 3.02
N LYS A 184 9.32 14.51 3.54
CA LYS A 184 10.24 13.42 3.27
C LYS A 184 10.24 13.05 1.79
N LEU A 185 9.06 13.04 1.17
CA LEU A 185 8.99 12.78 -0.27
C LEU A 185 9.67 13.90 -1.07
N ALA A 186 9.41 15.15 -0.71
CA ALA A 186 10.05 16.29 -1.37
C ALA A 186 11.56 16.20 -1.28
N ASP A 187 12.06 15.87 -0.09
CA ASP A 187 13.50 15.78 0.12
C ASP A 187 14.12 14.68 -0.75
N LEU A 188 13.43 13.55 -0.88
CA LEU A 188 13.94 12.47 -1.71
C LEU A 188 13.89 12.87 -3.18
N LEU A 189 12.78 13.44 -3.61
CA LEU A 189 12.65 13.88 -5.02
C LEU A 189 13.72 14.87 -5.46
N GLU A 190 14.09 15.77 -4.56
CA GLU A 190 15.10 16.79 -4.89
C GLU A 190 16.41 16.17 -5.35
N LEU A 191 16.77 15.02 -4.80
CA LEU A 191 18.11 14.43 -5.07
C LEU A 191 18.11 13.11 -5.84
N ALA A 192 16.99 12.42 -5.88
CA ALA A 192 16.91 11.13 -6.53
C ALA A 192 17.11 11.22 -8.04
N ARG A 193 17.81 10.24 -8.61
CA ARG A 193 17.88 10.07 -10.05
C ARG A 193 16.56 9.53 -10.60
N VAL A 194 16.05 8.48 -9.96
CA VAL A 194 14.77 7.86 -10.33
C VAL A 194 13.73 8.35 -9.33
N PRO A 195 12.72 9.10 -9.79
CA PRO A 195 11.73 9.59 -8.83
C PRO A 195 10.86 8.44 -8.35
N PRO A 196 10.47 8.43 -7.07
CA PRO A 196 9.49 7.41 -6.66
C PRO A 196 8.26 7.37 -7.56
N ALA A 197 7.82 6.17 -7.90
CA ALA A 197 6.61 6.02 -8.72
C ALA A 197 5.33 6.16 -7.90
N VAL A 198 5.40 5.71 -6.65
CA VAL A 198 4.27 5.60 -5.74
C VAL A 198 4.72 6.01 -4.36
N ASN A 199 3.80 6.65 -3.63
CA ASN A 199 3.88 6.81 -2.17
C ASN A 199 2.62 6.17 -1.62
N GLN A 200 2.78 5.03 -0.95
CA GLN A 200 1.67 4.27 -0.38
C GLN A 200 1.48 4.72 1.06
N VAL A 201 0.29 5.24 1.36
CA VAL A 201 0.00 5.88 2.63
C VAL A 201 -1.44 5.56 3.07
N GLU A 202 -1.70 5.68 4.37
CA GLU A 202 -3.04 5.58 4.89
C GLU A 202 -3.91 6.63 4.20
N CYS A 203 -5.05 6.21 3.64
CA CYS A 203 -5.94 7.19 3.08
C CYS A 203 -7.34 6.62 2.95
N HIS A 204 -8.32 7.35 3.50
CA HIS A 204 -9.71 6.94 3.57
C HIS A 204 -10.52 8.19 3.91
N PRO A 205 -11.84 8.10 3.98
CA PRO A 205 -12.59 9.35 4.17
C PRO A 205 -12.29 10.11 5.47
N SER A 206 -11.77 9.43 6.48
CA SER A 206 -11.40 10.08 7.72
C SER A 206 -9.93 10.54 7.76
N TRP A 207 -9.19 10.34 6.67
CA TRP A 207 -7.80 10.79 6.56
C TRP A 207 -7.50 10.99 5.09
N ARG A 208 -7.91 12.15 4.60
CA ARG A 208 -8.07 12.39 3.17
C ARG A 208 -6.78 12.62 2.41
N GLN A 209 -5.74 13.08 3.10
CA GLN A 209 -4.42 13.28 2.51
C GLN A 209 -4.43 14.23 1.31
N THR A 210 -5.27 15.25 1.35
CA THR A 210 -5.35 16.16 0.20
C THR A 210 -4.04 16.91 -0.05
N LYS A 211 -3.35 17.32 1.01
CA LYS A 211 -2.09 18.05 0.88
C LYS A 211 -1.04 17.18 0.18
N LEU A 212 -0.83 15.99 0.71
CA LEU A 212 0.14 15.09 0.13
C LEU A 212 -0.22 14.67 -1.29
N GLN A 213 -1.51 14.42 -1.54
CA GLN A 213 -1.94 14.03 -2.87
C GLN A 213 -1.67 15.11 -3.90
N GLU A 214 -1.93 16.35 -3.53
CA GLU A 214 -1.69 17.47 -4.42
C GLU A 214 -0.21 17.58 -4.77
N PHE A 215 0.63 17.46 -3.76
CA PHE A 215 2.08 17.49 -3.97
C PHE A 215 2.52 16.34 -4.89
N CYS A 216 2.05 15.13 -4.56
CA CYS A 216 2.37 13.96 -5.38
C CYS A 216 1.98 14.19 -6.84
N LYS A 217 0.77 14.65 -7.07
CA LYS A 217 0.27 14.92 -8.43
C LYS A 217 1.21 15.89 -9.17
N SER A 218 1.59 16.97 -8.49
CA SER A 218 2.46 17.99 -9.08
CA SER A 218 2.45 17.97 -9.12
C SER A 218 3.82 17.40 -9.50
N LYS A 219 4.27 16.37 -8.78
CA LYS A 219 5.55 15.76 -9.02
C LYS A 219 5.49 14.48 -9.86
N GLY A 220 4.29 14.06 -10.26
CA GLY A 220 4.13 12.84 -11.02
C GLY A 220 4.24 11.55 -10.24
N VAL A 221 4.06 11.63 -8.92
CA VAL A 221 4.06 10.47 -8.02
C VAL A 221 2.62 10.08 -7.77
N HIS A 222 2.33 8.78 -7.89
CA HIS A 222 0.99 8.26 -7.61
C HIS A 222 0.83 7.99 -6.13
N LEU A 223 -0.28 8.43 -5.55
CA LEU A 223 -0.63 8.12 -4.16
C LEU A 223 -1.50 6.88 -4.15
N SER A 224 -1.10 5.90 -3.35
CA SER A 224 -1.81 4.64 -3.22
C SER A 224 -2.29 4.48 -1.79
N ALA A 225 -3.59 4.24 -1.60
CA ALA A 225 -4.21 4.23 -0.27
C ALA A 225 -4.23 2.87 0.39
N TYR A 226 -3.48 2.77 1.48
CA TYR A 226 -3.64 1.67 2.39
C TYR A 226 -4.71 1.93 3.43
N SER A 227 -5.17 0.88 4.09
CA SER A 227 -6.30 0.93 5.02
C SER A 227 -7.48 1.76 4.48
N PRO A 228 -7.91 1.47 3.23
CA PRO A 228 -8.98 2.30 2.64
C PRO A 228 -10.33 2.12 3.30
N LEU A 229 -10.51 1.05 4.10
CA LEU A 229 -11.72 0.84 4.86
C LEU A 229 -11.55 1.26 6.32
N GLY A 230 -10.39 1.83 6.65
CA GLY A 230 -10.06 2.13 8.02
C GLY A 230 -9.63 0.93 8.85
N SER A 231 -9.23 -0.16 8.18
CA SER A 231 -8.66 -1.32 8.88
C SER A 231 -9.47 -1.78 10.10
N PRO A 232 -10.77 -2.07 9.89
CA PRO A 232 -11.65 -2.39 11.02
C PRO A 232 -11.29 -3.66 11.78
N GLY A 233 -10.55 -4.56 11.16
CA GLY A 233 -10.11 -5.79 11.81
C GLY A 233 -8.92 -5.66 12.73
N THR A 234 -8.28 -4.50 12.75
CA THR A 234 -7.11 -4.27 13.60
C THR A 234 -7.59 -3.89 15.00
N THR A 235 -7.27 -4.71 15.98
CA THR A 235 -7.94 -4.56 17.30
C THR A 235 -7.60 -3.24 18.00
N TRP A 236 -6.39 -2.72 17.77
CA TRP A 236 -5.88 -1.57 18.49
C TRP A 236 -6.19 -0.22 17.79
N LEU A 237 -7.05 -0.28 16.77
CA LEU A 237 -7.60 0.90 16.14
C LEU A 237 -9.10 0.92 16.40
N LYS A 238 -9.64 2.14 16.47
CA LYS A 238 -11.08 2.34 16.51
C LYS A 238 -11.68 2.02 15.14
N SER A 239 -12.84 1.36 15.13
CA SER A 239 -13.46 0.82 13.92
C SER A 239 -14.49 1.80 13.34
N ASP A 240 -14.18 3.08 13.32
CA ASP A 240 -15.21 4.09 13.06
C ASP A 240 -15.36 4.53 11.60
N VAL A 241 -14.39 4.25 10.74
CA VAL A 241 -14.45 4.75 9.38
C VAL A 241 -15.73 4.28 8.59
N LEU A 242 -15.99 2.97 8.55
CA LEU A 242 -17.18 2.42 7.85
C LEU A 242 -18.51 2.67 8.55
N LYS A 243 -18.46 3.22 9.76
CA LYS A 243 -19.67 3.55 10.52
C LYS A 243 -20.03 5.01 10.37
N ASN A 244 -19.26 5.78 9.59
CA ASN A 244 -19.50 7.20 9.50
C ASN A 244 -20.90 7.49 8.94
N PRO A 245 -21.66 8.39 9.59
CA PRO A 245 -23.03 8.60 9.12
C PRO A 245 -23.19 9.15 7.71
N ILE A 246 -22.30 10.04 7.29
CA ILE A 246 -22.34 10.56 5.92
C ILE A 246 -22.10 9.43 4.92
N LEU A 247 -21.06 8.64 5.18
CA LEU A 247 -20.73 7.51 4.33
C LEU A 247 -21.89 6.54 4.24
N ASN A 248 -22.53 6.25 5.38
CA ASN A 248 -23.65 5.31 5.39
C ASN A 248 -24.90 5.83 4.69
N MET A 249 -25.15 7.13 4.77
N MET A 249 -25.13 7.13 4.79
CA MET A 249 -26.28 7.70 4.04
CA MET A 249 -26.23 7.77 4.07
C MET A 249 -26.06 7.54 2.54
C MET A 249 -26.07 7.62 2.56
N VAL A 250 -24.85 7.84 2.08
CA VAL A 250 -24.52 7.65 0.67
C VAL A 250 -24.70 6.17 0.26
N ALA A 251 -24.18 5.25 1.09
CA ALA A 251 -24.35 3.83 0.85
C ALA A 251 -25.83 3.43 0.67
N GLU A 252 -26.66 3.93 1.58
CA GLU A 252 -28.09 3.59 1.55
C GLU A 252 -28.75 4.16 0.31
N LYS A 253 -28.42 5.40 -0.02
CA LYS A 253 -29.02 6.03 -1.20
C LYS A 253 -28.65 5.37 -2.52
N LEU A 254 -27.41 4.91 -2.62
CA LEU A 254 -26.91 4.31 -3.85
C LEU A 254 -27.10 2.80 -3.91
N GLY A 255 -27.51 2.18 -2.81
CA GLY A 255 -27.71 0.73 -2.72
C GLY A 255 -26.41 -0.02 -2.78
N LYS A 256 -25.38 0.50 -2.08
CA LYS A 256 -24.06 -0.12 -2.07
C LYS A 256 -23.65 -0.33 -0.61
N SER A 257 -22.65 -1.16 -0.37
CA SER A 257 -22.19 -1.35 1.01
C SER A 257 -21.31 -0.18 1.42
N PRO A 258 -21.19 0.05 2.73
CA PRO A 258 -20.26 1.07 3.22
C PRO A 258 -18.83 0.88 2.68
N ALA A 259 -18.34 -0.35 2.62
CA ALA A 259 -17.01 -0.61 2.06
C ALA A 259 -16.94 -0.21 0.60
N GLN A 260 -17.96 -0.56 -0.18
CA GLN A 260 -17.97 -0.16 -1.59
C GLN A 260 -17.92 1.35 -1.74
N VAL A 261 -18.66 2.07 -0.90
CA VAL A 261 -18.66 3.53 -0.96
C VAL A 261 -17.27 4.07 -0.60
N ALA A 262 -16.65 3.54 0.45
CA ALA A 262 -15.32 3.98 0.83
C ALA A 262 -14.33 3.78 -0.32
N LEU A 263 -14.43 2.65 -1.00
CA LEU A 263 -13.50 2.31 -2.07
C LEU A 263 -13.75 3.18 -3.30
N ARG A 264 -15.01 3.32 -3.72
CA ARG A 264 -15.34 4.18 -4.84
C ARG A 264 -14.96 5.63 -4.57
N TRP A 265 -15.15 6.06 -3.33
CA TRP A 265 -14.72 7.39 -2.92
C TRP A 265 -13.24 7.56 -3.21
N GLY A 266 -12.44 6.58 -2.80
CA GLY A 266 -11.01 6.66 -3.00
C GLY A 266 -10.63 6.79 -4.45
N LEU A 267 -11.23 5.96 -5.28
CA LEU A 267 -11.02 6.03 -6.72
C LEU A 267 -11.37 7.40 -7.28
N GLN A 268 -12.55 7.93 -6.89
CA GLN A 268 -12.96 9.26 -7.39
C GLN A 268 -12.07 10.38 -6.87
N MET A 269 -11.40 10.18 -5.74
CA MET A 269 -10.38 11.13 -5.24
C MET A 269 -9.08 11.06 -6.02
N GLY A 270 -8.91 10.08 -6.88
CA GLY A 270 -7.73 10.00 -7.74
C GLY A 270 -6.59 9.17 -7.18
N HIS A 271 -6.89 8.19 -6.34
CA HIS A 271 -5.85 7.30 -5.84
C HIS A 271 -6.29 5.85 -5.92
N SER A 272 -5.32 4.94 -5.96
CA SER A 272 -5.61 3.53 -5.89
C SER A 272 -5.97 3.16 -4.45
N VAL A 273 -6.61 2.01 -4.30
CA VAL A 273 -7.06 1.51 -3.00
C VAL A 273 -6.66 0.05 -2.87
N LEU A 274 -6.31 -0.36 -1.64
CA LEU A 274 -5.73 -1.68 -1.36
C LEU A 274 -6.54 -2.51 -0.35
N PRO A 275 -7.86 -2.65 -0.58
CA PRO A 275 -8.68 -3.33 0.42
C PRO A 275 -8.21 -4.78 0.70
N LYS A 276 -8.08 -5.09 1.97
CA LYS A 276 -7.75 -6.44 2.40
C LYS A 276 -8.98 -7.22 2.81
N SER A 277 -9.04 -8.47 2.35
CA SER A 277 -10.02 -9.41 2.84
C SER A 277 -9.50 -10.83 2.60
N THR A 278 -9.83 -11.71 3.53
CA THR A 278 -9.70 -13.16 3.29
C THR A 278 -11.03 -13.86 3.05
N ASN A 279 -12.10 -13.10 2.88
CA ASN A 279 -13.42 -13.66 2.70
C ASN A 279 -13.84 -13.50 1.25
N GLU A 280 -14.20 -14.60 0.64
CA GLU A 280 -14.56 -14.58 -0.72
C GLU A 280 -15.65 -13.57 -1.10
N GLY A 281 -16.71 -13.50 -0.31
CA GLY A 281 -17.82 -12.60 -0.62
C GLY A 281 -17.33 -11.16 -0.58
N ARG A 282 -16.61 -10.82 0.48
CA ARG A 282 -16.09 -9.45 0.59
C ARG A 282 -15.06 -9.09 -0.51
N ILE A 283 -14.20 -10.04 -0.88
CA ILE A 283 -13.27 -9.81 -1.97
C ILE A 283 -14.03 -9.41 -3.24
N LYS A 284 -15.12 -10.13 -3.52
CA LYS A 284 -15.98 -9.82 -4.66
C LYS A 284 -16.64 -8.44 -4.53
N GLU A 285 -17.23 -8.21 -3.37
CA GLU A 285 -17.95 -6.96 -3.09
C GLU A 285 -17.01 -5.78 -3.32
N ASN A 286 -15.78 -5.91 -2.82
CA ASN A 286 -14.82 -4.80 -2.85
C ASN A 286 -14.33 -4.48 -4.27
N PHE A 287 -14.42 -5.44 -5.19
CA PHE A 287 -14.01 -5.22 -6.58
C PHE A 287 -15.12 -4.62 -7.43
N ASN A 288 -16.35 -4.60 -6.94
N ASN A 288 -16.35 -4.64 -6.90
CA ASN A 288 -17.44 -4.13 -7.78
CA ASN A 288 -17.56 -4.16 -7.60
C ASN A 288 -17.69 -2.66 -7.52
C ASN A 288 -17.70 -2.63 -7.47
N VAL A 289 -16.71 -1.90 -7.95
CA VAL A 289 -16.63 -0.47 -7.71
C VAL A 289 -16.40 0.30 -9.02
N PHE A 290 -16.67 -0.35 -10.17
CA PHE A 290 -16.42 0.27 -11.47
C PHE A 290 -17.68 0.55 -12.26
N ASP A 291 -18.79 -0.13 -11.97
CA ASP A 291 -20.01 -0.02 -12.78
C ASP A 291 -21.03 0.95 -12.19
N TRP A 292 -20.57 1.85 -11.33
CA TRP A 292 -21.41 2.87 -10.72
C TRP A 292 -20.51 3.96 -10.19
N SER A 293 -21.11 5.08 -9.80
CA SER A 293 -20.36 6.18 -9.26
C SER A 293 -21.11 6.91 -8.15
N ILE A 294 -20.36 7.67 -7.36
CA ILE A 294 -20.96 8.56 -6.37
C ILE A 294 -21.22 9.90 -7.06
N PRO A 295 -22.49 10.35 -7.15
CA PRO A 295 -22.76 11.60 -7.83
C PRO A 295 -22.10 12.80 -7.16
N ASP A 296 -21.90 13.85 -7.92
CA ASP A 296 -21.06 14.97 -7.48
C ASP A 296 -21.52 15.65 -6.19
N TYR A 297 -22.81 15.89 -6.03
CA TYR A 297 -23.26 16.56 -4.82
C TYR A 297 -23.06 15.68 -3.58
N MET A 298 -23.40 14.39 -3.67
CA MET A 298 -23.12 13.45 -2.59
C MET A 298 -21.65 13.38 -2.28
N PHE A 299 -20.83 13.38 -3.33
CA PHE A 299 -19.39 13.33 -3.15
C PHE A 299 -18.89 14.51 -2.32
N ALA A 300 -19.47 15.69 -2.55
CA ALA A 300 -19.08 16.88 -1.81
C ALA A 300 -19.29 16.75 -0.31
N LYS A 301 -20.26 15.95 0.11
CA LYS A 301 -20.57 15.80 1.51
C LYS A 301 -19.44 15.15 2.32
N PHE A 302 -18.62 14.35 1.65
CA PHE A 302 -17.51 13.68 2.34
C PHE A 302 -16.52 14.66 2.90
N ALA A 303 -16.45 15.85 2.29
CA ALA A 303 -15.49 16.86 2.69
C ALA A 303 -15.66 17.32 4.13
N GLU A 304 -16.81 17.07 4.76
CA GLU A 304 -16.99 17.48 6.16
C GLU A 304 -16.78 16.37 7.20
N ILE A 305 -16.29 15.21 6.77
CA ILE A 305 -16.02 14.13 7.71
C ILE A 305 -14.80 14.50 8.58
N GLU A 306 -14.91 14.23 9.88
CA GLU A 306 -13.82 14.56 10.80
C GLU A 306 -12.57 13.75 10.46
N GLN A 307 -11.41 14.39 10.64
CA GLN A 307 -10.12 13.85 10.21
C GLN A 307 -9.21 13.43 11.36
N ALA A 308 -8.67 12.22 11.29
CA ALA A 308 -7.65 11.75 12.21
C ALA A 308 -6.91 10.57 11.61
N ARG A 309 -5.59 10.56 11.78
CA ARG A 309 -4.73 9.50 11.28
C ARG A 309 -4.82 8.31 12.23
N LEU A 310 -5.13 7.13 11.69
CA LEU A 310 -5.26 5.93 12.49
C LEU A 310 -3.92 5.26 12.78
N VAL A 311 -3.06 5.20 11.76
CA VAL A 311 -1.82 4.44 11.82
C VAL A 311 -0.71 5.42 12.12
N THR A 312 -0.38 5.56 13.39
CA THR A 312 0.48 6.66 13.83
C THR A 312 1.97 6.39 13.65
N GLY A 313 2.37 5.15 13.44
CA GLY A 313 3.78 4.81 13.41
C GLY A 313 4.49 4.92 14.75
N SER A 314 3.73 4.81 15.85
CA SER A 314 4.33 4.90 17.19
C SER A 314 5.47 3.90 17.43
N PHE A 315 5.45 2.77 16.73
CA PHE A 315 6.51 1.78 16.86
C PHE A 315 7.90 2.31 16.44
N LEU A 316 7.92 3.43 15.72
CA LEU A 316 9.16 4.04 15.24
C LEU A 316 9.53 5.29 16.04
N VAL A 317 8.74 5.64 17.05
CA VAL A 317 8.83 6.90 17.78
C VAL A 317 9.31 6.59 19.20
N HIS A 318 10.28 7.36 19.67
CA HIS A 318 10.76 7.21 21.03
C HIS A 318 11.50 8.48 21.45
N GLU A 319 11.28 8.88 22.70
CA GLU A 319 11.84 10.14 23.20
C GLU A 319 13.36 10.14 23.25
N THR A 320 13.97 8.98 23.52
CA THR A 320 15.42 8.88 23.68
C THR A 320 16.16 8.01 22.66
N LEU A 321 15.46 7.08 22.04
CA LEU A 321 16.13 6.01 21.29
C LEU A 321 15.91 6.06 19.79
N SER A 322 15.16 7.04 19.31
CA SER A 322 14.73 7.07 17.91
C SER A 322 15.11 8.35 17.19
N PRO A 323 15.28 8.26 15.86
CA PRO A 323 15.37 9.51 15.09
C PRO A 323 14.11 10.36 15.17
N TYR A 324 12.98 9.75 15.52
CA TYR A 324 11.71 10.46 15.63
C TYR A 324 11.29 10.50 17.08
N LYS A 325 11.34 11.69 17.66
CA LYS A 325 11.01 11.82 19.09
C LYS A 325 9.52 11.83 19.38
N SER A 326 8.72 12.05 18.34
CA SER A 326 7.28 12.09 18.48
C SER A 326 6.62 11.64 17.19
N ILE A 327 5.33 11.32 17.29
CA ILE A 327 4.50 11.05 16.12
C ILE A 327 4.53 12.26 15.18
N GLU A 328 4.42 13.46 15.74
CA GLU A 328 4.47 14.68 14.94
C GLU A 328 5.74 14.74 14.08
N GLU A 329 6.89 14.37 14.65
CA GLU A 329 8.13 14.39 13.88
C GLU A 329 8.13 13.37 12.75
N LEU A 330 7.67 12.16 13.02
CA LEU A 330 7.62 11.14 12.00
C LEU A 330 6.88 11.63 10.74
N TRP A 331 5.76 12.31 10.95
CA TRP A 331 4.89 12.79 9.87
C TRP A 331 5.16 14.25 9.49
N ASP A 332 6.23 14.84 10.01
CA ASP A 332 6.55 16.24 9.74
C ASP A 332 5.32 17.12 9.89
N GLY A 333 4.61 16.90 10.98
CA GLY A 333 3.45 17.70 11.33
C GLY A 333 2.12 17.31 10.73
N GLU A 334 2.10 16.28 9.88
CA GLU A 334 0.88 15.83 9.20
C GLU A 334 0.10 14.89 10.12
N ILE A 335 -0.53 15.49 11.11
CA ILE A 335 -1.24 14.73 12.13
C ILE A 335 -2.43 15.57 12.59
PA NAP B . -8.54 -2.33 5.17
O1A NAP B . -8.89 -0.91 5.34
O2A NAP B . -8.28 -2.89 3.83
O5B NAP B . -9.59 -3.18 5.99
C5B NAP B . -9.48 -4.59 6.11
C4B NAP B . -10.51 -5.07 7.10
O4B NAP B . -11.83 -4.85 6.57
C3B NAP B . -10.43 -6.55 7.46
O3B NAP B . -10.75 -6.69 8.82
C2B NAP B . -11.50 -7.17 6.58
O2B NAP B . -12.00 -8.37 7.14
C1B NAP B . -12.55 -6.08 6.51
N9A NAP B . -13.33 -6.05 5.27
C8A NAP B . -12.84 -6.18 4.00
N7A NAP B . -13.82 -6.00 3.11
C5A NAP B . -14.94 -5.69 3.82
C6A NAP B . -16.25 -5.42 3.43
N6A NAP B . -16.63 -5.41 2.16
N1A NAP B . -17.15 -5.17 4.42
C2A NAP B . -16.81 -5.17 5.74
N3A NAP B . -15.53 -5.44 6.15
C4A NAP B . -14.64 -5.70 5.17
O3 NAP B . -7.24 -2.59 6.09
PN NAP B . -5.66 -2.87 5.99
O1N NAP B . -5.45 -4.34 5.78
O2N NAP B . -5.07 -2.15 7.15
O5D NAP B . -5.17 -2.06 4.71
C5D NAP B . -5.22 -2.64 3.41
C4D NAP B . -3.84 -3.11 2.96
O4D NAP B . -2.97 -1.99 2.82
C3D NAP B . -3.11 -4.05 3.90
O3D NAP B . -3.65 -5.36 3.90
C2D NAP B . -1.71 -3.93 3.30
O2D NAP B . -1.65 -4.68 2.08
C1D NAP B . -1.63 -2.41 3.05
N1N NAP B . -1.07 -1.69 4.21
C2N NAP B . 0.17 -1.13 4.09
C3N NAP B . 0.75 -0.46 5.13
C7N NAP B . 2.06 0.20 4.91
O7N NAP B . 2.71 0.62 6.01
N7N NAP B . 2.53 0.41 3.70
C4N NAP B . 0.08 -0.34 6.34
C5N NAP B . -1.21 -0.86 6.45
C6N NAP B . -1.79 -1.53 5.38
P2B NAP B . -11.93 -9.75 6.33
O1X NAP B . -10.50 -10.01 5.99
O2X NAP B . -12.45 -10.74 7.31
O3X NAP B . -12.82 -9.58 5.09
C ACT C . 2.49 -2.38 7.76
O ACT C . 3.43 -1.78 8.35
OXT ACT C . 2.49 -2.48 6.51
CH3 ACT C . 1.37 -3.00 8.55
#